data_4IKL
#
_entry.id   4IKL
#
_cell.length_a   43.090
_cell.length_b   85.540
_cell.length_c   64.110
_cell.angle_alpha   90.000
_cell.angle_beta   90.000
_cell.angle_gamma   90.000
#
_symmetry.space_group_name_H-M   'P 21 21 2'
#
loop_
_entity.id
_entity.type
_entity.pdbx_description
1 polymer Transthyretin
2 non-polymer '[(1Z)-5-fluoro-2-methyl-1-{4-[methylsulfinyl]benzylidene}-1H-inden-3-yl]acetic acid'
3 water water
#
_entity_poly.entity_id   1
_entity_poly.type   'polypeptide(L)'
_entity_poly.pdbx_seq_one_letter_code
;GPTGTGESKCPLMVKVLDAVRGSPAINVAVHVFRKAADDTWEPFASGKTSESGELHGLTTEEEFVEGIYKVEIDTKSYWK
ALGISPFHEHAEVVFTANDSGPRRYTIAALLSPYSYSTTAVVTNPKE
;
_entity_poly.pdbx_strand_id   A,B
#
loop_
_chem_comp.id
_chem_comp.type
_chem_comp.name
_chem_comp.formula
SUZ non-polymer '[(1Z)-5-fluoro-2-methyl-1-{4-[methylsulfinyl]benzylidene}-1H-inden-3-yl]acetic acid' 'C20 H17 F O3 S'
#
# COMPACT_ATOMS: atom_id res chain seq x y z
N CYS A 10 -3.03 18.89 -14.96
CA CYS A 10 -2.47 17.54 -14.59
C CYS A 10 -3.28 16.89 -13.46
N PRO A 11 -4.13 15.91 -13.82
CA PRO A 11 -5.09 15.34 -12.86
C PRO A 11 -4.55 14.27 -11.92
N LEU A 12 -3.42 13.66 -12.26
CA LEU A 12 -2.78 12.62 -11.42
C LEU A 12 -1.29 12.87 -11.30
N MET A 13 -0.74 13.40 -10.21
N MET A 13 -0.98 13.14 -10.01
CA MET A 13 0.76 13.44 -10.07
CA MET A 13 0.29 13.59 -9.37
C MET A 13 1.17 12.80 -8.69
C MET A 13 0.98 12.39 -8.58
N VAL A 14 2.30 12.14 -8.73
CA VAL A 14 2.94 11.39 -7.63
C VAL A 14 4.15 12.15 -7.09
N LYS A 15 4.27 12.19 -5.77
N LYS A 15 4.26 12.21 -5.77
N LYS A 15 4.29 12.20 -5.77
CA LYS A 15 5.43 12.81 -5.09
CA LYS A 15 5.41 12.78 -5.08
CA LYS A 15 5.46 12.81 -5.12
C LYS A 15 6.00 11.83 -4.08
C LYS A 15 5.99 11.72 -4.16
C LYS A 15 6.01 11.87 -4.05
N VAL A 16 7.30 11.58 -4.16
CA VAL A 16 7.97 10.59 -3.30
C VAL A 16 9.16 11.21 -2.56
N LEU A 17 9.23 10.98 -1.25
CA LEU A 17 10.35 11.43 -0.43
C LEU A 17 11.07 10.21 0.19
N ASP A 18 12.33 10.43 0.53
CA ASP A 18 13.20 9.42 1.12
C ASP A 18 13.48 9.86 2.55
N ALA A 19 12.95 9.11 3.52
CA ALA A 19 13.02 9.48 4.94
C ALA A 19 14.39 9.15 5.60
N VAL A 20 15.24 8.43 4.87
CA VAL A 20 16.60 8.12 5.31
C VAL A 20 17.57 9.24 4.94
N ARG A 21 17.42 9.75 3.72
N ARG A 21 17.46 9.76 3.72
CA ARG A 21 18.33 10.76 3.17
CA ARG A 21 18.36 10.81 3.25
C ARG A 21 17.81 12.20 3.30
C ARG A 21 17.85 12.21 3.57
N GLY A 22 16.54 12.35 3.71
CA GLY A 22 15.90 13.67 3.82
C GLY A 22 15.93 14.41 2.48
N SER A 23 15.54 13.68 1.44
CA SER A 23 15.58 14.19 0.10
C SER A 23 14.39 13.67 -0.71
N PRO A 24 14.15 14.25 -1.88
CA PRO A 24 13.23 13.56 -2.79
C PRO A 24 13.79 12.18 -3.19
N ALA A 25 12.88 11.25 -3.47
CA ALA A 25 13.26 9.94 -3.96
C ALA A 25 13.26 9.97 -5.50
N ILE A 26 14.47 9.95 -6.07
CA ILE A 26 14.69 10.21 -7.51
C ILE A 26 14.69 8.90 -8.28
N ASN A 27 14.21 8.94 -9.52
N ASN A 27 14.21 8.94 -9.53
CA ASN A 27 14.14 7.79 -10.44
CA ASN A 27 14.15 7.77 -10.42
C ASN A 27 13.36 6.59 -9.87
C ASN A 27 13.38 6.59 -9.85
N VAL A 28 12.31 6.88 -9.13
CA VAL A 28 11.44 5.84 -8.59
C VAL A 28 10.45 5.46 -9.70
N ALA A 29 10.41 4.19 -10.10
CA ALA A 29 9.47 3.76 -11.12
C ALA A 29 8.06 3.69 -10.53
N VAL A 30 7.06 4.10 -11.32
CA VAL A 30 5.66 4.10 -10.89
C VAL A 30 4.80 3.54 -12.03
N HIS A 31 3.95 2.56 -11.71
CA HIS A 31 3.04 1.96 -12.68
C HIS A 31 1.61 2.14 -12.21
N VAL A 32 0.77 2.68 -13.09
CA VAL A 32 -0.62 2.92 -12.79
C VAL A 32 -1.48 1.93 -13.58
N PHE A 33 -2.45 1.34 -12.90
CA PHE A 33 -3.41 0.42 -13.50
C PHE A 33 -4.84 0.87 -13.20
N ARG A 34 -5.77 0.48 -14.07
N ARG A 34 -5.78 0.44 -14.02
CA ARG A 34 -7.19 0.76 -13.91
CA ARG A 34 -7.19 0.79 -13.87
C ARG A 34 -7.98 -0.54 -14.00
C ARG A 34 -8.05 -0.46 -14.04
N LYS A 35 -8.94 -0.71 -13.09
CA LYS A 35 -9.77 -1.92 -13.07
C LYS A 35 -10.71 -1.94 -14.29
N ALA A 36 -10.56 -2.97 -15.11
CA ALA A 36 -11.39 -3.15 -16.31
C ALA A 36 -12.76 -3.73 -15.95
N ALA A 37 -13.68 -3.73 -16.92
CA ALA A 37 -15.03 -4.25 -16.73
C ALA A 37 -15.05 -5.73 -16.33
N ASP A 38 -14.04 -6.49 -16.78
CA ASP A 38 -13.88 -7.91 -16.44
C ASP A 38 -13.13 -8.12 -15.11
N ASP A 39 -12.99 -7.05 -14.34
CA ASP A 39 -12.28 -7.05 -13.04
C ASP A 39 -10.78 -7.32 -13.04
N THR A 40 -10.13 -7.20 -14.18
CA THR A 40 -8.65 -7.29 -14.24
C THR A 40 -8.01 -5.90 -14.20
N TRP A 41 -6.76 -5.84 -13.74
CA TRP A 41 -5.97 -4.60 -13.77
C TRP A 41 -5.33 -4.36 -15.13
N GLU A 42 -5.87 -3.40 -15.87
CA GLU A 42 -5.29 -2.99 -17.14
C GLU A 42 -4.24 -1.89 -16.92
N PRO A 43 -3.08 -1.99 -17.60
CA PRO A 43 -2.08 -0.93 -17.58
C PRO A 43 -2.71 0.39 -18.01
N PHE A 44 -2.43 1.44 -17.24
CA PHE A 44 -3.04 2.75 -17.51
C PHE A 44 -2.00 3.81 -17.88
N ALA A 45 -0.89 3.84 -17.16
CA ALA A 45 0.17 4.82 -17.37
C ALA A 45 1.38 4.43 -16.54
N SER A 46 2.56 4.91 -16.92
CA SER A 46 3.74 4.71 -16.06
C SER A 46 4.78 5.77 -16.27
N GLY A 47 5.77 5.78 -15.38
CA GLY A 47 6.81 6.79 -15.44
C GLY A 47 7.79 6.67 -14.28
N LYS A 48 8.63 7.69 -14.13
CA LYS A 48 9.67 7.71 -13.12
C LYS A 48 9.73 9.09 -12.49
N THR A 49 9.96 9.14 -11.18
CA THR A 49 10.08 10.44 -10.50
C THR A 49 11.33 11.17 -10.99
N SER A 50 11.25 12.48 -10.98
CA SER A 50 12.32 13.35 -11.45
C SER A 50 13.26 13.66 -10.26
N GLU A 51 14.24 14.51 -10.55
N GLU A 51 14.24 14.51 -10.52
CA GLU A 51 15.16 15.06 -9.54
CA GLU A 51 15.17 14.97 -9.48
C GLU A 51 14.43 15.62 -8.33
C GLU A 51 14.46 15.68 -8.32
N SER A 52 13.22 16.15 -8.55
CA SER A 52 12.42 16.72 -7.45
C SER A 52 11.55 15.70 -6.71
N GLY A 53 11.61 14.45 -7.14
CA GLY A 53 10.82 13.37 -6.55
C GLY A 53 9.38 13.34 -7.05
N GLU A 54 9.10 14.12 -8.10
CA GLU A 54 7.75 14.26 -8.64
C GLU A 54 7.56 13.59 -9.99
N LEU A 55 6.33 13.14 -10.24
CA LEU A 55 5.99 12.53 -11.51
C LEU A 55 4.71 13.16 -12.03
N HIS A 56 4.83 13.83 -13.18
CA HIS A 56 3.74 14.58 -13.79
C HIS A 56 3.48 13.97 -15.14
N GLY A 57 2.39 14.37 -15.77
CA GLY A 57 2.09 13.99 -17.16
C GLY A 57 1.73 12.53 -17.37
N LEU A 58 1.29 11.85 -16.32
CA LEU A 58 0.89 10.45 -16.47
C LEU A 58 -0.33 10.30 -17.38
N THR A 59 -1.29 11.22 -17.25
CA THR A 59 -2.56 11.12 -17.97
C THR A 59 -3.16 12.51 -18.29
N THR A 60 -4.32 12.52 -18.94
CA THR A 60 -5.03 13.75 -19.28
C THR A 60 -6.38 13.66 -18.62
N GLU A 61 -7.06 14.80 -18.45
N GLU A 61 -7.07 14.79 -18.48
CA GLU A 61 -8.41 14.79 -17.88
CA GLU A 61 -8.39 14.77 -17.84
C GLU A 61 -9.28 13.86 -18.69
C GLU A 61 -9.40 13.98 -18.69
N GLU A 62 -9.22 13.97 -20.01
CA GLU A 62 -10.04 13.15 -20.92
C GLU A 62 -9.84 11.65 -20.70
N GLU A 63 -8.59 11.22 -20.58
CA GLU A 63 -8.32 9.79 -20.42
C GLU A 63 -8.54 9.28 -18.99
N PHE A 64 -8.47 10.19 -18.03
CA PHE A 64 -8.59 9.85 -16.60
C PHE A 64 -10.07 9.80 -16.17
N VAL A 65 -10.77 8.76 -16.61
CA VAL A 65 -12.22 8.65 -16.38
C VAL A 65 -12.49 8.07 -15.00
N GLU A 66 -13.77 7.97 -14.62
N GLU A 66 -13.76 7.99 -14.60
CA GLU A 66 -14.13 7.31 -13.36
CA GLU A 66 -14.12 7.35 -13.34
C GLU A 66 -13.59 5.89 -13.39
C GLU A 66 -13.68 5.89 -13.36
N GLY A 67 -13.13 5.44 -12.23
CA GLY A 67 -12.73 4.05 -12.11
C GLY A 67 -11.98 3.76 -10.84
N ILE A 68 -11.57 2.52 -10.69
CA ILE A 68 -10.72 2.14 -9.57
C ILE A 68 -9.31 2.02 -10.12
N TYR A 69 -8.41 2.76 -9.50
CA TYR A 69 -7.01 2.86 -9.97
C TYR A 69 -6.07 2.27 -8.94
N LYS A 70 -4.97 1.68 -9.41
CA LYS A 70 -3.89 1.18 -8.56
C LYS A 70 -2.62 1.88 -8.98
N VAL A 71 -2.03 2.63 -8.04
CA VAL A 71 -0.71 3.24 -8.25
C VAL A 71 0.31 2.36 -7.52
N GLU A 72 1.18 1.74 -8.31
N GLU A 72 1.17 1.72 -8.30
CA GLU A 72 2.24 0.88 -7.81
CA GLU A 72 2.23 0.86 -7.76
C GLU A 72 3.49 1.75 -7.81
C GLU A 72 3.55 1.62 -7.82
N ILE A 73 4.13 1.86 -6.64
CA ILE A 73 5.39 2.58 -6.52
C ILE A 73 6.50 1.55 -6.27
N ASP A 74 7.47 1.49 -7.17
CA ASP A 74 8.47 0.42 -7.13
C ASP A 74 9.61 0.68 -6.13
N THR A 75 9.26 0.55 -4.85
CA THR A 75 10.15 0.89 -3.75
C THR A 75 11.34 -0.06 -3.61
N LYS A 76 11.14 -1.36 -3.84
CA LYS A 76 12.22 -2.33 -3.63
C LYS A 76 13.42 -2.04 -4.55
N SER A 77 13.15 -1.76 -5.83
CA SER A 77 14.22 -1.40 -6.78
C SER A 77 14.93 -0.12 -6.40
N TYR A 78 14.17 0.89 -5.97
CA TYR A 78 14.75 2.12 -5.44
C TYR A 78 15.77 1.88 -4.31
N TRP A 79 15.37 1.09 -3.31
CA TRP A 79 16.22 0.85 -2.15
C TRP A 79 17.47 0.01 -2.44
N LYS A 80 17.28 -1.03 -3.27
N LYS A 80 17.30 -1.02 -3.29
CA LYS A 80 18.35 -1.93 -3.68
CA LYS A 80 18.40 -1.92 -3.61
C LYS A 80 19.53 -1.16 -4.26
C LYS A 80 19.55 -1.23 -4.33
N ALA A 81 19.22 -0.25 -5.18
CA ALA A 81 20.24 0.59 -5.83
C ALA A 81 21.01 1.45 -4.84
N LEU A 82 20.40 1.75 -3.71
CA LEU A 82 21.11 2.44 -2.63
C LEU A 82 21.78 1.49 -1.61
N GLY A 83 21.80 0.20 -1.94
CA GLY A 83 22.52 -0.84 -1.15
C GLY A 83 21.79 -1.26 0.11
N ILE A 84 20.49 -0.98 0.15
CA ILE A 84 19.63 -1.31 1.27
C ILE A 84 18.69 -2.43 0.81
N SER A 85 18.49 -3.40 1.68
CA SER A 85 17.53 -4.47 1.43
C SER A 85 16.23 -4.17 2.16
N PRO A 86 15.21 -3.68 1.42
CA PRO A 86 13.99 -3.21 2.07
C PRO A 86 13.01 -4.35 2.35
N PHE A 87 11.95 -4.06 3.10
CA PHE A 87 10.96 -5.08 3.42
C PHE A 87 9.97 -5.31 2.28
N HIS A 88 9.39 -4.22 1.77
CA HIS A 88 8.27 -4.31 0.81
C HIS A 88 8.70 -4.49 -0.63
N GLU A 89 7.88 -5.19 -1.40
CA GLU A 89 8.11 -5.35 -2.83
C GLU A 89 7.85 -4.00 -3.52
N HIS A 90 6.71 -3.40 -3.20
CA HIS A 90 6.35 -2.08 -3.67
C HIS A 90 5.28 -1.50 -2.77
N ALA A 91 4.97 -0.23 -2.93
CA ALA A 91 3.78 0.34 -2.33
C ALA A 91 2.67 0.29 -3.37
N GLU A 92 1.48 -0.19 -3.00
CA GLU A 92 0.32 -0.04 -3.89
C GLU A 92 -0.80 0.76 -3.26
N VAL A 93 -1.22 1.81 -3.97
CA VAL A 93 -2.25 2.73 -3.52
C VAL A 93 -3.47 2.50 -4.42
N VAL A 94 -4.57 2.04 -3.84
CA VAL A 94 -5.75 1.65 -4.62
C VAL A 94 -6.94 2.51 -4.22
N PHE A 95 -7.56 3.15 -5.19
CA PHE A 95 -8.61 4.12 -4.91
C PHE A 95 -9.58 4.33 -6.05
N THR A 96 -10.81 4.72 -5.70
CA THR A 96 -11.79 5.17 -6.68
C THR A 96 -11.51 6.63 -6.98
N ALA A 97 -11.45 6.94 -8.28
CA ALA A 97 -11.19 8.29 -8.75
C ALA A 97 -12.34 8.80 -9.60
N ASN A 98 -12.66 10.09 -9.45
CA ASN A 98 -13.58 10.83 -10.35
C ASN A 98 -15.04 10.34 -10.29
N ASP A 99 -15.38 9.71 -9.17
N ASP A 99 -15.36 9.67 -9.18
CA ASP A 99 -16.68 9.11 -8.92
CA ASP A 99 -16.67 9.12 -8.89
C ASP A 99 -17.72 10.15 -8.46
C ASP A 99 -17.74 10.22 -8.78
N SER A 100 -17.31 11.42 -8.40
CA SER A 100 -18.21 12.56 -8.17
C SER A 100 -17.83 13.72 -9.09
N GLY A 101 -17.44 13.41 -10.33
CA GLY A 101 -16.89 14.40 -11.24
C GLY A 101 -15.37 14.45 -11.16
N PRO A 102 -14.73 15.15 -12.11
CA PRO A 102 -13.28 15.21 -12.19
C PRO A 102 -12.63 15.86 -10.95
N ARG A 103 -11.60 15.20 -10.42
CA ARG A 103 -10.74 15.79 -9.39
C ARG A 103 -9.27 15.74 -9.81
N ARG A 104 -8.43 16.48 -9.09
CA ARG A 104 -6.98 16.39 -9.22
C ARG A 104 -6.42 15.63 -8.00
N TYR A 105 -5.57 14.62 -8.27
CA TYR A 105 -5.05 13.79 -7.22
C TYR A 105 -3.54 13.90 -7.17
N THR A 106 -3.03 14.13 -5.96
CA THR A 106 -1.63 13.93 -5.65
C THR A 106 -1.46 12.76 -4.70
N ILE A 107 -0.72 11.75 -5.16
CA ILE A 107 -0.36 10.64 -4.30
C ILE A 107 1.03 10.94 -3.74
N ALA A 108 1.10 11.16 -2.42
CA ALA A 108 2.35 11.49 -1.75
C ALA A 108 2.81 10.29 -0.96
N ALA A 109 4.07 9.87 -1.15
CA ALA A 109 4.61 8.72 -0.44
C ALA A 109 5.88 9.11 0.29
N LEU A 110 6.04 8.58 1.49
CA LEU A 110 7.27 8.74 2.25
C LEU A 110 7.87 7.36 2.48
N LEU A 111 9.13 7.18 2.10
CA LEU A 111 9.77 5.86 2.12
C LEU A 111 10.87 5.70 3.18
N SER A 112 10.76 4.62 3.97
CA SER A 112 11.88 4.06 4.76
C SER A 112 12.04 2.59 4.35
N PRO A 113 13.20 1.98 4.69
CA PRO A 113 13.44 0.59 4.27
C PRO A 113 12.39 -0.43 4.77
N TYR A 114 11.86 -0.22 5.96
CA TYR A 114 10.86 -1.14 6.52
C TYR A 114 9.49 -0.50 6.77
N SER A 115 9.25 0.66 6.17
CA SER A 115 8.02 1.40 6.41
C SER A 115 7.73 2.35 5.26
N TYR A 116 6.44 2.52 4.95
CA TYR A 116 6.07 3.61 4.09
C TYR A 116 4.72 4.18 4.44
N SER A 117 4.51 5.45 4.12
N SER A 117 4.51 5.43 4.07
CA SER A 117 3.23 6.07 4.27
CA SER A 117 3.23 6.07 4.25
C SER A 117 2.80 6.62 2.93
C SER A 117 2.79 6.61 2.91
N THR A 118 1.49 6.75 2.73
CA THR A 118 0.97 7.32 1.53
C THR A 118 -0.22 8.16 1.91
N THR A 119 -0.24 9.38 1.36
N THR A 119 -0.26 9.37 1.36
CA THR A 119 -1.33 10.30 1.60
CA THR A 119 -1.35 10.28 1.64
C THR A 119 -1.84 10.79 0.26
C THR A 119 -1.83 10.88 0.32
N ALA A 120 -3.14 11.06 0.20
CA ALA A 120 -3.75 11.62 -1.00
C ALA A 120 -4.15 13.06 -0.74
N VAL A 121 -3.87 13.91 -1.71
CA VAL A 121 -4.32 15.27 -1.71
C VAL A 121 -5.25 15.40 -2.91
N VAL A 122 -6.52 15.69 -2.62
CA VAL A 122 -7.57 15.69 -3.64
C VAL A 122 -8.17 17.09 -3.69
N THR A 123 -8.07 17.72 -4.86
CA THR A 123 -8.55 19.08 -5.03
C THR A 123 -9.57 19.15 -6.17
N ASN A 124 -10.50 20.09 -6.04
CA ASN A 124 -11.53 20.32 -7.04
C ASN A 124 -11.20 21.54 -7.91
N PRO A 125 -10.81 21.31 -9.18
CA PRO A 125 -10.41 22.39 -10.07
C PRO A 125 -11.62 23.15 -10.65
N CYS B 10 3.65 -18.03 16.30
CA CYS B 10 2.88 -17.14 15.40
C CYS B 10 3.86 -16.36 14.53
N PRO B 11 4.09 -16.85 13.29
CA PRO B 11 5.06 -16.30 12.36
C PRO B 11 4.65 -14.95 11.77
N LEU B 12 3.34 -14.68 11.74
CA LEU B 12 2.82 -13.49 11.05
C LEU B 12 1.66 -12.88 11.83
N MET B 13 1.85 -11.66 12.30
N MET B 13 1.85 -11.66 12.30
N MET B 13 1.86 -11.68 12.35
CA MET B 13 0.86 -10.95 13.11
CA MET B 13 0.84 -10.96 13.11
CA MET B 13 0.83 -10.96 13.09
C MET B 13 0.57 -9.58 12.51
C MET B 13 0.56 -9.59 12.49
C MET B 13 0.51 -9.66 12.37
N VAL B 14 -0.67 -9.12 12.63
CA VAL B 14 -1.10 -7.83 12.07
C VAL B 14 -1.66 -6.97 13.20
N LYS B 15 -1.20 -5.73 13.26
N LYS B 15 -1.22 -5.71 13.24
CA LYS B 15 -1.74 -4.77 14.22
CA LYS B 15 -1.70 -4.76 14.24
C LYS B 15 -2.19 -3.53 13.47
C LYS B 15 -2.15 -3.48 13.54
N VAL B 16 -3.40 -3.08 13.76
CA VAL B 16 -3.99 -1.93 13.07
C VAL B 16 -4.47 -0.89 14.09
N LEU B 17 -4.07 0.37 13.87
CA LEU B 17 -4.44 1.49 14.72
C LEU B 17 -5.21 2.55 13.94
N ASP B 18 -6.04 3.30 14.66
CA ASP B 18 -6.90 4.34 14.06
C ASP B 18 -6.38 5.67 14.56
N ALA B 19 -5.88 6.48 13.63
CA ALA B 19 -5.27 7.80 13.91
C ALA B 19 -6.28 8.95 14.15
N VAL B 20 -7.57 8.70 13.90
CA VAL B 20 -8.62 9.68 14.12
C VAL B 20 -9.16 9.54 15.54
N ARG B 21 -9.35 8.30 15.98
CA ARG B 21 -9.92 8.03 17.28
C ARG B 21 -8.86 7.76 18.36
N GLY B 22 -7.61 7.57 17.94
CA GLY B 22 -6.54 7.15 18.87
C GLY B 22 -6.81 5.83 19.57
N SER B 23 -7.23 4.85 18.79
CA SER B 23 -7.65 3.57 19.34
C SER B 23 -7.13 2.43 18.47
N PRO B 24 -7.19 1.19 18.97
CA PRO B 24 -7.06 0.06 18.05
C PRO B 24 -8.15 0.15 17.00
N ALA B 25 -7.85 -0.30 15.78
CA ALA B 25 -8.86 -0.42 14.74
C ALA B 25 -9.46 -1.81 14.87
N ILE B 26 -10.70 -1.84 15.35
CA ILE B 26 -11.37 -3.08 15.73
C ILE B 26 -12.25 -3.62 14.58
N ASN B 27 -12.29 -4.94 14.45
N ASN B 27 -12.24 -4.94 14.44
CA ASN B 27 -13.12 -5.61 13.43
CA ASN B 27 -13.08 -5.65 13.47
C ASN B 27 -12.78 -5.23 12.00
C ASN B 27 -12.76 -5.31 12.01
N VAL B 28 -11.49 -5.02 11.74
CA VAL B 28 -11.04 -4.74 10.38
C VAL B 28 -10.74 -6.07 9.71
N ALA B 29 -11.37 -6.32 8.56
CA ALA B 29 -11.07 -7.55 7.81
C ALA B 29 -9.68 -7.49 7.18
N VAL B 30 -8.94 -8.58 7.30
CA VAL B 30 -7.59 -8.71 6.75
C VAL B 30 -7.53 -9.99 5.93
N HIS B 31 -7.08 -9.89 4.68
CA HIS B 31 -6.93 -11.05 3.79
C HIS B 31 -5.48 -11.18 3.36
N VAL B 32 -4.92 -12.36 3.55
CA VAL B 32 -3.53 -12.63 3.18
C VAL B 32 -3.51 -13.51 1.95
N PHE B 33 -2.61 -13.19 1.03
CA PHE B 33 -2.44 -13.94 -0.21
C PHE B 33 -0.97 -14.33 -0.38
N ARG B 34 -0.74 -15.47 -1.03
N ARG B 34 -0.77 -15.42 -1.11
CA ARG B 34 0.61 -15.84 -1.45
CA ARG B 34 0.53 -15.94 -1.48
C ARG B 34 0.67 -15.90 -2.97
C ARG B 34 0.64 -15.87 -3.00
N LYS B 35 1.78 -15.41 -3.52
CA LYS B 35 2.00 -15.38 -4.96
C LYS B 35 2.26 -16.81 -5.45
N ALA B 36 1.41 -17.28 -6.37
CA ALA B 36 1.54 -18.62 -6.94
C ALA B 36 2.53 -18.61 -8.12
N ALA B 37 2.91 -19.79 -8.60
CA ALA B 37 3.92 -19.92 -9.69
C ALA B 37 3.57 -19.15 -10.96
N ASP B 38 2.27 -19.07 -11.27
CA ASP B 38 1.77 -18.33 -12.42
C ASP B 38 1.55 -16.82 -12.16
N ASP B 39 2.08 -16.34 -11.03
CA ASP B 39 2.00 -14.90 -10.66
C ASP B 39 0.61 -14.39 -10.29
N THR B 40 -0.31 -15.31 -9.99
CA THR B 40 -1.63 -14.92 -9.50
C THR B 40 -1.63 -14.95 -7.96
N TRP B 41 -2.57 -14.26 -7.34
CA TRP B 41 -2.65 -14.24 -5.89
C TRP B 41 -3.58 -15.32 -5.37
N GLU B 42 -3.03 -16.21 -4.54
CA GLU B 42 -3.80 -17.29 -3.92
C GLU B 42 -4.20 -16.85 -2.52
N PRO B 43 -5.49 -16.99 -2.17
CA PRO B 43 -5.86 -16.80 -0.76
C PRO B 43 -5.06 -17.73 0.13
N PHE B 44 -4.66 -17.22 1.30
CA PHE B 44 -3.75 -17.94 2.19
C PHE B 44 -4.30 -18.01 3.61
N ALA B 45 -4.84 -16.88 4.07
CA ALA B 45 -5.36 -16.73 5.43
C ALA B 45 -6.13 -15.43 5.52
N SER B 46 -7.05 -15.37 6.48
CA SER B 46 -7.82 -14.16 6.74
C SER B 46 -8.36 -14.15 8.15
N GLY B 47 -8.82 -12.98 8.57
CA GLY B 47 -9.43 -12.83 9.88
C GLY B 47 -9.88 -11.41 10.05
N LYS B 48 -10.32 -11.08 11.27
CA LYS B 48 -10.71 -9.73 11.62
C LYS B 48 -9.95 -9.34 12.86
N THR B 49 -9.51 -8.09 12.91
CA THR B 49 -8.76 -7.61 14.07
C THR B 49 -9.65 -7.67 15.32
N SER B 50 -9.03 -7.96 16.45
CA SER B 50 -9.71 -8.07 17.74
C SER B 50 -9.93 -6.70 18.37
N GLU B 51 -10.45 -6.69 19.60
N GLU B 51 -10.46 -6.74 19.60
CA GLU B 51 -10.63 -5.45 20.36
CA GLU B 51 -10.62 -5.58 20.48
C GLU B 51 -9.32 -4.71 20.66
C GLU B 51 -9.34 -4.74 20.58
N SER B 52 -8.20 -5.42 20.52
CA SER B 52 -6.89 -4.78 20.68
C SER B 52 -6.29 -4.38 19.32
N GLY B 53 -7.07 -4.55 18.25
CA GLY B 53 -6.65 -4.17 16.90
C GLY B 53 -5.65 -5.14 16.31
N GLU B 54 -5.59 -6.35 16.88
CA GLU B 54 -4.58 -7.32 16.50
C GLU B 54 -5.19 -8.56 15.87
N LEU B 55 -4.41 -9.21 15.02
CA LEU B 55 -4.83 -10.45 14.39
C LEU B 55 -3.70 -11.46 14.50
N HIS B 56 -3.98 -12.56 15.22
CA HIS B 56 -3.03 -13.62 15.52
C HIS B 56 -3.54 -14.91 14.92
N GLY B 57 -2.67 -15.90 14.82
CA GLY B 57 -3.09 -17.24 14.35
C GLY B 57 -3.45 -17.28 12.89
N LEU B 58 -2.85 -16.40 12.09
CA LEU B 58 -3.11 -16.40 10.66
C LEU B 58 -2.54 -17.67 10.01
N THR B 59 -1.33 -18.07 10.42
CA THR B 59 -0.66 -19.20 9.83
C THR B 59 0.23 -19.91 10.83
N THR B 60 0.94 -20.95 10.39
CA THR B 60 1.90 -21.68 11.23
C THR B 60 3.28 -21.57 10.61
N GLU B 61 4.32 -21.86 11.39
CA GLU B 61 5.68 -21.88 10.85
C GLU B 61 5.83 -22.92 9.73
N GLU B 62 5.17 -24.07 9.86
N GLU B 62 5.13 -24.05 9.88
CA GLU B 62 5.21 -25.09 8.79
CA GLU B 62 5.13 -25.13 8.90
C GLU B 62 4.67 -24.58 7.46
C GLU B 62 4.55 -24.73 7.53
N GLU B 63 3.59 -23.80 7.52
CA GLU B 63 2.92 -23.36 6.29
C GLU B 63 3.51 -22.08 5.69
N PHE B 64 4.07 -21.24 6.56
CA PHE B 64 4.56 -19.94 6.17
C PHE B 64 5.96 -20.00 5.54
N VAL B 65 6.02 -20.61 4.36
CA VAL B 65 7.30 -20.78 3.68
C VAL B 65 7.74 -19.51 2.95
N GLU B 66 9.03 -19.44 2.59
CA GLU B 66 9.54 -18.32 1.81
C GLU B 66 8.66 -18.12 0.58
N GLY B 67 8.45 -16.87 0.20
CA GLY B 67 7.59 -16.57 -0.94
C GLY B 67 7.17 -15.12 -0.85
N ILE B 68 6.44 -14.65 -1.84
CA ILE B 68 5.91 -13.29 -1.83
C ILE B 68 4.50 -13.35 -1.27
N TYR B 69 4.21 -12.44 -0.34
CA TYR B 69 2.89 -12.37 0.29
C TYR B 69 2.29 -10.99 0.17
N LYS B 70 0.96 -10.95 0.13
CA LYS B 70 0.21 -9.70 0.14
C LYS B 70 -0.76 -9.72 1.31
N VAL B 71 -0.66 -8.72 2.18
CA VAL B 71 -1.61 -8.54 3.26
C VAL B 71 -2.53 -7.39 2.87
N GLU B 72 -3.81 -7.70 2.72
CA GLU B 72 -4.82 -6.73 2.31
C GLU B 72 -5.68 -6.35 3.52
N ILE B 73 -5.73 -5.06 3.80
CA ILE B 73 -6.48 -4.57 4.95
C ILE B 73 -7.68 -3.78 4.43
N ASP B 74 -8.89 -4.27 4.69
N ASP B 74 -8.88 -4.25 4.73
CA ASP B 74 -10.12 -3.61 4.19
CA ASP B 74 -10.09 -3.66 4.16
C ASP B 74 -10.45 -2.34 4.96
C ASP B 74 -10.50 -2.34 4.87
N THR B 75 -9.70 -1.30 4.67
CA THR B 75 -9.85 -0.02 5.36
C THR B 75 -11.14 0.73 4.96
N LYS B 76 -11.52 0.61 3.69
CA LYS B 76 -12.73 1.30 3.22
C LYS B 76 -13.96 0.93 4.06
N SER B 77 -14.20 -0.35 4.29
CA SER B 77 -15.35 -0.78 5.12
C SER B 77 -15.28 -0.30 6.56
N TYR B 78 -14.07 -0.28 7.11
CA TYR B 78 -13.82 0.25 8.44
C TYR B 78 -14.31 1.71 8.55
N TRP B 79 -13.86 2.57 7.62
CA TRP B 79 -14.26 3.99 7.67
C TRP B 79 -15.75 4.18 7.43
N LYS B 80 -16.29 3.40 6.50
CA LYS B 80 -17.71 3.49 6.18
C LYS B 80 -18.57 3.16 7.40
N ALA B 81 -18.16 2.15 8.19
CA ALA B 81 -18.86 1.79 9.42
C ALA B 81 -18.77 2.89 10.49
N LEU B 82 -17.78 3.76 10.37
CA LEU B 82 -17.67 4.92 11.25
C LEU B 82 -18.27 6.20 10.67
N GLY B 83 -18.89 6.08 9.50
CA GLY B 83 -19.54 7.22 8.82
C GLY B 83 -18.59 8.24 8.23
N ILE B 84 -17.38 7.80 7.89
CA ILE B 84 -16.34 8.70 7.40
C ILE B 84 -15.97 8.26 6.00
N SER B 85 -15.85 9.22 5.09
CA SER B 85 -15.56 8.94 3.70
C SER B 85 -14.05 8.77 3.50
N PRO B 86 -13.59 7.56 3.10
CA PRO B 86 -12.15 7.34 3.00
C PRO B 86 -11.63 7.46 1.57
N PHE B 87 -10.31 7.54 1.41
CA PHE B 87 -9.74 7.61 0.06
C PHE B 87 -9.50 6.23 -0.57
N HIS B 88 -8.86 5.34 0.18
CA HIS B 88 -8.40 4.05 -0.34
C HIS B 88 -9.48 2.97 -0.36
N GLU B 89 -9.39 2.09 -1.35
CA GLU B 89 -10.19 0.86 -1.37
C GLU B 89 -9.78 -0.08 -0.24
N HIS B 90 -8.48 -0.27 -0.08
CA HIS B 90 -7.92 -1.09 0.99
C HIS B 90 -6.45 -0.74 1.06
N ALA B 91 -5.80 -1.05 2.19
CA ALA B 91 -4.37 -0.96 2.30
C ALA B 91 -3.78 -2.28 1.78
N GLU B 92 -2.59 -2.20 1.19
CA GLU B 92 -1.99 -3.35 0.52
C GLU B 92 -0.53 -3.47 0.94
N VAL B 93 -0.15 -4.57 1.57
CA VAL B 93 1.25 -4.75 2.01
C VAL B 93 1.84 -5.99 1.37
N VAL B 94 2.83 -5.78 0.50
CA VAL B 94 3.40 -6.87 -0.31
C VAL B 94 4.88 -7.00 0.05
N PHE B 95 5.28 -8.23 0.37
CA PHE B 95 6.65 -8.48 0.81
C PHE B 95 7.11 -9.90 0.55
N THR B 96 8.42 -10.09 0.59
CA THR B 96 9.01 -11.43 0.55
C THR B 96 9.29 -11.91 1.97
N ALA B 97 8.78 -13.09 2.31
CA ALA B 97 9.12 -13.73 3.57
C ALA B 97 10.43 -14.49 3.33
N ASN B 98 11.38 -14.29 4.25
N ASN B 98 11.43 -14.28 4.20
CA ASN B 98 12.71 -14.85 4.15
CA ASN B 98 12.73 -14.93 4.01
C ASN B 98 12.99 -15.71 5.37
C ASN B 98 13.30 -15.55 5.29
N ASP B 99 13.71 -16.81 5.17
CA ASP B 99 14.14 -17.64 6.30
C ASP B 99 15.40 -17.18 6.99
N SER B 100 16.30 -16.54 6.22
CA SER B 100 17.56 -16.00 6.73
C SER B 100 17.39 -15.18 8.00
N GLY B 101 17.11 -13.88 7.83
CA GLY B 101 16.93 -12.95 8.95
C GLY B 101 15.79 -13.31 9.90
N PRO B 102 15.52 -12.43 10.88
CA PRO B 102 14.47 -12.65 11.89
C PRO B 102 13.15 -13.13 11.27
N ARG B 103 12.35 -13.83 12.07
CA ARG B 103 11.27 -14.66 11.50
C ARG B 103 9.89 -14.59 12.17
N ARG B 104 9.73 -13.69 13.14
CA ARG B 104 8.39 -13.26 13.54
C ARG B 104 8.11 -11.96 12.80
N TYR B 105 7.08 -11.94 11.96
CA TYR B 105 6.71 -10.74 11.20
C TYR B 105 5.50 -10.08 11.80
N THR B 106 5.63 -8.82 12.21
CA THR B 106 4.49 -8.02 12.59
C THR B 106 4.29 -6.94 11.54
N ILE B 107 3.12 -6.97 10.91
CA ILE B 107 2.72 -5.93 9.96
C ILE B 107 1.86 -4.94 10.75
N ALA B 108 2.39 -3.74 10.90
CA ALA B 108 1.70 -2.70 11.67
C ALA B 108 1.12 -1.70 10.67
N ALA B 109 -0.08 -1.21 10.92
CA ALA B 109 -0.70 -0.25 10.02
C ALA B 109 -1.42 0.84 10.80
N LEU B 110 -1.18 2.09 10.42
CA LEU B 110 -1.87 3.23 11.01
C LEU B 110 -2.80 3.86 10.00
N LEU B 111 -4.08 3.98 10.34
CA LEU B 111 -5.10 4.42 9.39
C LEU B 111 -5.64 5.83 9.66
N SER B 112 -5.66 6.64 8.60
CA SER B 112 -6.42 7.90 8.53
C SER B 112 -7.31 7.82 7.28
N PRO B 113 -8.34 8.68 7.16
CA PRO B 113 -9.22 8.52 5.99
C PRO B 113 -8.51 8.67 4.65
N TYR B 114 -7.56 9.61 4.57
CA TYR B 114 -6.83 9.87 3.33
C TYR B 114 -5.35 9.54 3.41
N SER B 115 -4.98 8.75 4.38
CA SER B 115 -3.60 8.39 4.56
C SER B 115 -3.48 7.06 5.26
N TYR B 116 -2.47 6.28 4.92
CA TYR B 116 -2.07 5.22 5.83
C TYR B 116 -0.57 5.01 5.81
N SER B 117 -0.06 4.48 6.92
N SER B 117 -0.07 4.47 6.92
CA SER B 117 1.32 4.08 7.01
CA SER B 117 1.31 4.07 7.03
C SER B 117 1.38 2.61 7.40
C SER B 117 1.35 2.59 7.38
N THR B 118 2.39 1.91 6.92
CA THR B 118 2.59 0.52 7.30
C THR B 118 4.05 0.28 7.63
N THR B 119 4.28 -0.46 8.69
CA THR B 119 5.65 -0.76 9.09
C THR B 119 5.76 -2.25 9.35
N ALA B 120 6.94 -2.80 9.10
CA ALA B 120 7.22 -4.20 9.37
C ALA B 120 8.16 -4.32 10.57
N VAL B 121 7.78 -5.16 11.53
CA VAL B 121 8.65 -5.44 12.68
C VAL B 121 9.06 -6.90 12.56
N VAL B 122 10.34 -7.11 12.33
CA VAL B 122 10.87 -8.43 12.05
C VAL B 122 11.83 -8.78 13.19
N THR B 123 11.41 -9.69 14.08
CA THR B 123 12.18 -10.00 15.30
C THR B 123 12.65 -11.45 15.44
N ASN B 124 13.46 -11.66 16.49
CA ASN B 124 14.14 -12.94 16.74
C ASN B 124 13.62 -13.60 18.01
C20 SUZ C . 2.89 10.14 4.65
C19 SUZ C . 3.25 10.66 3.40
C5 SUZ C . 4.21 11.68 3.32
C6 SUZ C . 4.67 12.25 2.04
C7 SUZ C . 4.72 13.69 1.67
C18 SUZ C . 4.23 14.77 2.56
C17 SUZ C . 3.66 14.76 3.83
C16 SUZ C . 3.31 15.97 4.40
C15 SUZ C . 3.49 17.17 3.71
F SUZ C . 3.13 18.34 4.26
C14 SUZ C . 4.04 17.17 2.44
C13 SUZ C . 4.41 15.97 1.86
C10 SUZ C . 5.02 15.72 0.52
C11 SUZ C . 5.39 16.76 -0.53
C12 SUZ C . 4.19 17.59 -0.91
O3 SUZ C . 4.35 18.58 -1.66
O2 SUZ C . 3.08 17.25 -0.45
C8 SUZ C . 5.22 14.24 0.39
C9 SUZ C . 5.80 13.50 -0.78
C4 SUZ C . 4.81 12.13 4.49
C3 SUZ C . 4.45 11.61 5.73
C2 SUZ C . 3.49 10.62 5.83
S SUZ C . 3.13 10.06 7.29
O1 SUZ C . 1.85 9.06 7.28
C1 SUZ C . 4.44 9.24 7.90
C20 SUZ D . 3.09 4.95 12.48
C19 SUZ D . 2.45 3.88 13.12
C5 SUZ D . 2.27 2.67 12.44
C6 SUZ D . 1.57 1.57 13.14
C7 SUZ D . 1.95 1.06 14.49
C18 SUZ D . 3.12 1.59 15.24
C17 SUZ D . 4.05 2.59 14.95
C16 SUZ D . 5.05 2.86 15.87
C15 SUZ D . 5.10 2.13 17.08
F SUZ D . 6.07 2.39 17.96
C14 SUZ D . 4.17 1.14 17.35
C13 SUZ D . 3.17 0.87 16.43
C10 SUZ D . 2.07 -0.15 16.50
C11 SUZ D . 1.78 -1.11 17.63
C12 SUZ D . 2.80 -2.22 17.72
O3 SUZ D . 3.38 -2.61 16.68
O2 SUZ D . 2.99 -2.71 18.85
C8 SUZ D . 1.28 -0.01 15.24
C9 SUZ D . 0.07 -0.82 14.83
C4 SUZ D . 2.68 2.55 11.12
C3 SUZ D . 3.31 3.62 10.49
C2 SUZ D . 3.51 4.83 11.17
S SUZ D . 4.23 6.06 10.44
O1 SUZ D . 4.70 5.63 8.93
C1 SUZ D . 3.18 7.35 10.34
#